data_1EZ3
#
_entry.id   1EZ3
#
_cell.length_a   35.410
_cell.length_b   99.560
_cell.length_c   54.960
_cell.angle_alpha   90.00
_cell.angle_beta   97.46
_cell.angle_gamma   90.00
#
_symmetry.space_group_name_H-M   'P 1 21 1'
#
loop_
_entity.id
_entity.type
_entity.pdbx_description
1 polymer SYNTAXIN-1A
2 water water
#
_entity_poly.entity_id   1
_entity_poly.type   'polypeptide(L)'
_entity_poly.pdbx_seq_one_letter_code
;VDRDRFMDEFFEQVEEIRGFIDKIAENVEEVKRKHSAILASPNPDEKTKEELEELMSDIKKTANKVRSKLKSIEQSIEQE
EGLNRSSADLRIRKTQHSTLSRKFVEVMSEYNATQSDYRERCKGRIQ
;
_entity_poly.pdbx_strand_id   A,B,C
#
# COMPACT_ATOMS: atom_id res chain seq x y z
N ARG A 3 -20.65 -40.63 8.01
CA ARG A 3 -20.83 -39.89 6.72
C ARG A 3 -20.17 -38.52 6.80
N ASP A 4 -21.00 -37.49 6.74
CA ASP A 4 -20.55 -36.10 6.82
C ASP A 4 -21.49 -35.48 7.85
N ARG A 5 -21.76 -36.28 8.88
CA ARG A 5 -22.63 -35.91 9.98
C ARG A 5 -21.98 -34.84 10.84
N PHE A 6 -20.69 -35.01 11.10
CA PHE A 6 -19.93 -34.07 11.92
C PHE A 6 -19.99 -32.66 11.35
N MET A 7 -19.75 -32.52 10.04
CA MET A 7 -19.75 -31.22 9.39
C MET A 7 -21.14 -30.61 9.15
N ASP A 8 -22.10 -31.41 8.69
CA ASP A 8 -23.43 -30.87 8.45
C ASP A 8 -24.03 -30.37 9.76
N GLU A 9 -23.61 -30.99 10.85
CA GLU A 9 -24.06 -30.63 12.18
C GLU A 9 -23.30 -29.38 12.61
N PHE A 10 -22.10 -29.21 12.06
CA PHE A 10 -21.26 -28.07 12.37
C PHE A 10 -21.84 -26.81 11.75
N PHE A 11 -22.28 -26.90 10.50
CA PHE A 11 -22.86 -25.73 9.84
C PHE A 11 -24.17 -25.32 10.47
N GLU A 12 -24.90 -26.27 11.03
CA GLU A 12 -26.14 -25.97 11.71
C GLU A 12 -25.79 -25.24 13.01
N GLN A 13 -24.64 -25.57 13.58
CA GLN A 13 -24.20 -24.92 14.82
C GLN A 13 -23.69 -23.51 14.48
N VAL A 14 -23.23 -23.33 13.26
CA VAL A 14 -22.74 -22.02 12.82
C VAL A 14 -23.92 -21.07 12.68
N GLU A 15 -25.02 -21.56 12.10
CA GLU A 15 -26.21 -20.74 11.94
C GLU A 15 -26.87 -20.45 13.29
N GLU A 16 -26.71 -21.37 14.23
CA GLU A 16 -27.26 -21.17 15.57
C GLU A 16 -26.53 -20.01 16.26
N ILE A 17 -25.20 -20.04 16.18
CA ILE A 17 -24.35 -19.01 16.77
C ILE A 17 -24.60 -17.67 16.09
N ARG A 18 -24.78 -17.68 14.77
CA ARG A 18 -25.05 -16.46 14.04
C ARG A 18 -26.35 -15.83 14.53
N GLY A 19 -27.36 -16.68 14.76
CA GLY A 19 -28.64 -16.20 15.23
C GLY A 19 -28.53 -15.56 16.60
N PHE A 20 -27.68 -16.14 17.44
CA PHE A 20 -27.46 -15.63 18.79
C PHE A 20 -26.77 -14.27 18.71
N ILE A 21 -25.74 -14.19 17.88
CA ILE A 21 -25.02 -12.94 17.72
C ILE A 21 -25.99 -11.86 17.22
N ASP A 22 -26.88 -12.24 16.31
CA ASP A 22 -27.88 -11.31 15.77
C ASP A 22 -28.88 -10.89 16.85
N LYS A 23 -29.15 -11.78 17.79
CA LYS A 23 -30.07 -11.45 18.87
C LYS A 23 -29.39 -10.44 19.80
N ILE A 24 -28.09 -10.60 20.03
CA ILE A 24 -27.34 -9.68 20.87
C ILE A 24 -27.37 -8.31 20.20
N ALA A 25 -27.07 -8.28 18.90
CA ALA A 25 -27.07 -7.02 18.14
C ALA A 25 -28.41 -6.32 18.29
N GLU A 26 -29.49 -7.09 18.15
CA GLU A 26 -30.83 -6.54 18.29
C GLU A 26 -31.08 -5.99 19.70
N ASN A 27 -30.60 -6.70 20.73
CA ASN A 27 -30.80 -6.21 22.10
C ASN A 27 -30.01 -4.94 22.33
N VAL A 28 -28.83 -4.85 21.73
CA VAL A 28 -27.98 -3.67 21.90
C VAL A 28 -28.67 -2.41 21.36
N GLU A 29 -29.37 -2.56 20.23
CA GLU A 29 -30.07 -1.41 19.66
C GLU A 29 -31.24 -1.01 20.56
N GLU A 30 -31.89 -1.97 21.19
CA GLU A 30 -33.02 -1.67 22.06
C GLU A 30 -32.48 -0.98 23.32
N VAL A 31 -31.30 -1.39 23.78
CA VAL A 31 -30.68 -0.77 24.95
C VAL A 31 -30.43 0.71 24.64
N LYS A 32 -29.97 0.99 23.42
CA LYS A 32 -29.73 2.37 23.02
C LYS A 32 -31.03 3.16 23.06
N ARG A 33 -32.14 2.53 22.66
CA ARG A 33 -33.42 3.21 22.66
C ARG A 33 -33.88 3.50 24.09
N LYS A 34 -33.71 2.53 24.97
CA LYS A 34 -34.10 2.73 26.37
C LYS A 34 -33.24 3.81 27.02
N HIS A 35 -31.94 3.81 26.70
CA HIS A 35 -31.04 4.81 27.25
C HIS A 35 -31.54 6.22 26.90
N SER A 36 -31.86 6.42 25.63
CA SER A 36 -32.34 7.71 25.17
C SER A 36 -33.63 8.11 25.85
N ALA A 37 -34.57 7.18 25.94
CA ALA A 37 -35.85 7.46 26.58
C ALA A 37 -35.68 7.86 28.04
N ILE A 38 -34.80 7.16 28.74
CA ILE A 38 -34.55 7.45 30.14
C ILE A 38 -33.91 8.84 30.28
N LEU A 39 -32.95 9.14 29.41
CA LEU A 39 -32.29 10.44 29.47
C LEU A 39 -33.19 11.61 29.06
N ALA A 40 -34.13 11.35 28.16
CA ALA A 40 -35.02 12.41 27.69
C ALA A 40 -36.22 12.64 28.61
N SER A 41 -36.38 11.79 29.61
CA SER A 41 -37.52 11.90 30.51
C SER A 41 -37.27 12.74 31.76
N PRO A 42 -38.18 13.67 32.06
CA PRO A 42 -38.08 14.55 33.24
C PRO A 42 -38.12 13.71 34.51
N ASN A 43 -38.95 12.67 34.49
CA ASN A 43 -39.12 11.76 35.63
C ASN A 43 -39.11 10.35 35.07
N PRO A 44 -37.92 9.74 34.94
CA PRO A 44 -37.85 8.37 34.40
C PRO A 44 -38.76 7.33 35.06
N ASP A 45 -39.26 6.41 34.23
CA ASP A 45 -40.15 5.34 34.66
C ASP A 45 -39.36 4.15 35.18
N GLU A 46 -39.67 3.70 36.39
CA GLU A 46 -38.99 2.55 36.97
C GLU A 46 -39.15 1.29 36.12
N LYS A 47 -40.31 1.14 35.49
CA LYS A 47 -40.57 -0.03 34.64
C LYS A 47 -39.55 -0.06 33.50
N THR A 48 -39.27 1.11 32.94
CA THR A 48 -38.31 1.22 31.84
C THR A 48 -36.92 0.81 32.31
N LYS A 49 -36.57 1.20 33.53
CA LYS A 49 -35.27 0.83 34.08
C LYS A 49 -35.21 -0.67 34.29
N GLU A 50 -36.34 -1.25 34.70
CA GLU A 50 -36.40 -2.68 34.92
C GLU A 50 -36.23 -3.41 33.59
N GLU A 51 -36.83 -2.87 32.53
CA GLU A 51 -36.74 -3.48 31.20
C GLU A 51 -35.31 -3.39 30.69
N LEU A 52 -34.64 -2.28 31.03
CA LEU A 52 -33.27 -2.10 30.59
C LEU A 52 -32.42 -3.15 31.30
N GLU A 53 -32.73 -3.42 32.56
CA GLU A 53 -31.97 -4.42 33.31
C GLU A 53 -32.12 -5.83 32.73
N GLU A 54 -33.33 -6.17 32.33
CA GLU A 54 -33.58 -7.49 31.75
C GLU A 54 -32.86 -7.61 30.40
N LEU A 55 -32.81 -6.51 29.65
CA LEU A 55 -32.13 -6.53 28.36
C LEU A 55 -30.65 -6.81 28.57
N MET A 56 -30.04 -6.09 29.53
CA MET A 56 -28.62 -6.27 29.81
C MET A 56 -28.35 -7.71 30.26
N SER A 57 -29.27 -8.24 31.06
CA SER A 57 -29.17 -9.61 31.55
C SER A 57 -29.24 -10.58 30.37
N ASP A 58 -30.18 -10.34 29.48
CA ASP A 58 -30.35 -11.18 28.30
C ASP A 58 -29.10 -11.17 27.41
N ILE A 59 -28.49 -10.00 27.29
CA ILE A 59 -27.28 -9.86 26.49
C ILE A 59 -26.14 -10.68 27.10
N LYS A 60 -25.92 -10.49 28.39
CA LYS A 60 -24.86 -11.18 29.10
C LYS A 60 -25.01 -12.70 28.99
N LYS A 61 -26.25 -13.19 29.06
CA LYS A 61 -26.54 -14.61 28.97
C LYS A 61 -26.28 -15.18 27.58
N THR A 62 -26.80 -14.52 26.56
CA THR A 62 -26.63 -14.97 25.19
C THR A 62 -25.17 -14.90 24.77
N ALA A 63 -24.44 -13.93 25.29
CA ALA A 63 -23.03 -13.77 24.98
C ALA A 63 -22.23 -14.95 25.54
N ASN A 64 -22.57 -15.38 26.76
CA ASN A 64 -21.86 -16.51 27.36
C ASN A 64 -22.11 -17.74 26.51
N LYS A 65 -23.31 -17.85 25.94
CA LYS A 65 -23.64 -18.99 25.10
C LYS A 65 -22.74 -18.97 23.87
N VAL A 66 -22.57 -17.78 23.28
CA VAL A 66 -21.73 -17.64 22.09
C VAL A 66 -20.30 -17.96 22.45
N ARG A 67 -19.79 -17.33 23.51
CA ARG A 67 -18.42 -17.54 23.96
C ARG A 67 -18.17 -19.01 24.21
N SER A 68 -19.11 -19.65 24.89
CA SER A 68 -18.98 -21.06 25.21
C SER A 68 -18.95 -21.96 23.97
N LYS A 69 -19.86 -21.71 23.04
CA LYS A 69 -19.89 -22.53 21.82
C LYS A 69 -18.64 -22.30 20.97
N LEU A 70 -18.17 -21.06 20.90
CA LEU A 70 -16.98 -20.78 20.11
C LEU A 70 -15.73 -21.39 20.73
N LYS A 71 -15.66 -21.42 22.06
CA LYS A 71 -14.51 -22.00 22.73
C LYS A 71 -14.50 -23.50 22.46
N SER A 72 -15.68 -24.08 22.49
CA SER A 72 -15.84 -25.52 22.23
C SER A 72 -15.35 -25.87 20.82
N ILE A 73 -15.71 -25.04 19.85
CA ILE A 73 -15.31 -25.27 18.47
C ILE A 73 -13.79 -25.15 18.36
N GLU A 74 -13.22 -24.16 19.04
CA GLU A 74 -11.78 -23.95 19.00
C GLU A 74 -11.04 -25.13 19.65
N GLN A 75 -11.55 -25.60 20.79
CA GLN A 75 -10.90 -26.73 21.46
C GLN A 75 -10.88 -27.94 20.53
N SER A 76 -11.96 -28.10 19.78
CA SER A 76 -12.07 -29.22 18.85
C SER A 76 -11.04 -29.07 17.73
N ILE A 77 -10.89 -27.85 17.23
CA ILE A 77 -9.92 -27.55 16.18
C ILE A 77 -8.51 -27.86 16.66
N GLU A 78 -8.18 -27.41 17.86
CA GLU A 78 -6.85 -27.64 18.40
C GLU A 78 -6.58 -29.12 18.64
N GLN A 79 -7.60 -29.85 19.08
CA GLN A 79 -7.43 -31.27 19.33
C GLN A 79 -7.03 -31.94 18.03
N GLU A 80 -7.67 -31.49 16.95
CA GLU A 80 -7.40 -32.02 15.63
C GLU A 80 -5.98 -31.68 15.20
N GLU A 81 -5.54 -30.46 15.52
CA GLU A 81 -4.20 -30.02 15.16
C GLU A 81 -3.13 -30.78 15.91
N GLY A 82 -3.47 -31.31 17.08
CA GLY A 82 -2.51 -32.08 17.86
C GLY A 82 -2.05 -33.28 17.06
N LEU A 83 -2.74 -33.52 15.93
CA LEU A 83 -2.41 -34.63 15.04
C LEU A 83 -1.29 -34.24 14.09
N ASN A 84 -0.91 -32.97 14.12
CA ASN A 84 0.17 -32.46 13.27
C ASN A 84 -0.24 -32.64 11.81
N ARG A 85 -1.55 -32.62 11.55
CA ARG A 85 -2.05 -32.79 10.19
C ARG A 85 -3.26 -31.89 9.90
N SER A 86 -3.40 -31.48 8.64
CA SER A 86 -4.50 -30.62 8.22
C SER A 86 -5.45 -31.32 7.25
N SER A 87 -6.64 -30.74 7.07
CA SER A 87 -7.66 -31.27 6.17
C SER A 87 -8.63 -30.16 5.77
N ALA A 88 -9.41 -30.39 4.71
CA ALA A 88 -10.35 -29.40 4.24
C ALA A 88 -11.37 -29.02 5.30
N ASP A 89 -11.86 -30.01 6.05
CA ASP A 89 -12.84 -29.73 7.08
C ASP A 89 -12.24 -28.89 8.22
N LEU A 90 -11.02 -29.23 8.63
CA LEU A 90 -10.36 -28.49 9.68
C LEU A 90 -10.25 -27.02 9.27
N ARG A 91 -9.87 -26.79 8.01
CA ARG A 91 -9.74 -25.43 7.53
C ARG A 91 -11.08 -24.71 7.42
N ILE A 92 -12.13 -25.45 7.07
CA ILE A 92 -13.46 -24.86 6.96
C ILE A 92 -13.90 -24.43 8.37
N ARG A 93 -13.67 -25.31 9.35
CA ARG A 93 -14.03 -24.99 10.72
C ARG A 93 -13.22 -23.81 11.26
N LYS A 94 -11.94 -23.74 10.90
CA LYS A 94 -11.10 -22.64 11.37
C LYS A 94 -11.61 -21.32 10.79
N THR A 95 -12.09 -21.35 9.55
CA THR A 95 -12.59 -20.15 8.92
C THR A 95 -13.91 -19.67 9.54
N GLN A 96 -14.83 -20.58 9.80
CA GLN A 96 -16.12 -20.20 10.38
C GLN A 96 -15.93 -19.69 11.81
N HIS A 97 -14.95 -20.24 12.52
CA HIS A 97 -14.70 -19.82 13.89
C HIS A 97 -14.15 -18.39 13.93
N SER A 98 -13.25 -18.07 13.02
CA SER A 98 -12.68 -16.73 12.99
C SER A 98 -13.72 -15.72 12.49
N THR A 99 -14.62 -16.16 11.61
CA THR A 99 -15.66 -15.28 11.08
C THR A 99 -16.70 -14.99 12.16
N LEU A 100 -17.20 -16.03 12.80
CA LEU A 100 -18.17 -15.87 13.87
C LEU A 100 -17.55 -15.03 15.00
N SER A 101 -16.28 -15.27 15.29
CA SER A 101 -15.57 -14.52 16.34
C SER A 101 -15.53 -13.04 16.02
N ARG A 102 -15.24 -12.73 14.76
CA ARG A 102 -15.16 -11.34 14.32
C ARG A 102 -16.51 -10.66 14.56
N LYS A 103 -17.58 -11.29 14.10
CA LYS A 103 -18.92 -10.75 14.28
C LYS A 103 -19.27 -10.58 15.76
N PHE A 104 -18.88 -11.54 16.58
CA PHE A 104 -19.16 -11.50 18.01
C PHE A 104 -18.39 -10.36 18.68
N VAL A 105 -17.11 -10.23 18.36
CA VAL A 105 -16.31 -9.16 18.92
C VAL A 105 -16.88 -7.79 18.51
N GLU A 106 -17.33 -7.67 17.26
CA GLU A 106 -17.88 -6.39 16.82
C GLU A 106 -19.10 -5.98 17.64
N VAL A 107 -20.04 -6.91 17.82
CA VAL A 107 -21.25 -6.60 18.57
C VAL A 107 -20.97 -6.27 20.04
N MET A 108 -20.13 -7.08 20.69
CA MET A 108 -19.82 -6.81 22.09
C MET A 108 -19.04 -5.50 22.28
N SER A 109 -18.22 -5.14 21.30
CA SER A 109 -17.46 -3.89 21.38
C SER A 109 -18.41 -2.70 21.28
N GLU A 110 -19.42 -2.84 20.43
CA GLU A 110 -20.41 -1.80 20.24
C GLU A 110 -21.22 -1.65 21.53
N TYR A 111 -21.53 -2.77 22.17
CA TYR A 111 -22.30 -2.77 23.42
C TYR A 111 -21.48 -2.11 24.54
N ASN A 112 -20.20 -2.46 24.66
CA ASN A 112 -19.36 -1.87 25.69
C ASN A 112 -19.25 -0.36 25.50
N ALA A 113 -19.15 0.09 24.26
CA ALA A 113 -19.06 1.52 23.96
C ALA A 113 -20.39 2.23 24.27
N THR A 114 -21.51 1.55 24.03
CA THR A 114 -22.81 2.12 24.32
C THR A 114 -22.97 2.27 25.83
N GLN A 115 -22.54 1.26 26.59
CA GLN A 115 -22.64 1.30 28.05
C GLN A 115 -21.74 2.38 28.65
N SER A 116 -20.52 2.48 28.15
CA SER A 116 -19.59 3.48 28.65
C SER A 116 -20.14 4.87 28.42
N ASP A 117 -20.71 5.06 27.23
CA ASP A 117 -21.28 6.36 26.86
C ASP A 117 -22.46 6.72 27.74
N TYR A 118 -23.31 5.75 28.02
CA TYR A 118 -24.47 5.99 28.86
C TYR A 118 -24.03 6.33 30.29
N ARG A 119 -23.11 5.55 30.84
CA ARG A 119 -22.61 5.80 32.19
C ARG A 119 -22.05 7.21 32.28
N GLU A 120 -21.41 7.65 31.21
CA GLU A 120 -20.83 8.99 31.19
C GLU A 120 -21.94 10.05 31.25
N ARG A 121 -23.00 9.82 30.50
CA ARG A 121 -24.12 10.77 30.48
C ARG A 121 -24.93 10.79 31.77
N CYS A 122 -25.05 9.64 32.43
CA CYS A 122 -25.78 9.57 33.68
C CYS A 122 -24.98 10.24 34.78
N LYS A 123 -23.66 10.14 34.69
CA LYS A 123 -22.79 10.75 35.69
C LYS A 123 -22.80 12.22 35.47
N GLY A 124 -22.52 12.63 34.23
CA GLY A 124 -22.46 14.04 33.94
C GLY A 124 -23.79 14.71 34.29
N ARG A 125 -24.70 13.91 34.82
CA ARG A 125 -26.04 14.41 35.15
C ARG A 125 -26.63 14.85 36.48
N ILE A 126 -27.85 15.35 36.30
CA ILE A 126 -28.81 15.91 37.26
C ILE A 126 -28.33 17.07 38.11
N ASP B 4 1.82 -27.84 -13.70
CA ASP B 4 2.11 -26.45 -14.18
C ASP B 4 1.46 -25.40 -13.28
N ARG B 5 0.87 -25.84 -12.17
CA ARG B 5 0.17 -24.94 -11.28
C ARG B 5 1.03 -23.88 -10.57
N PHE B 6 2.29 -24.21 -10.27
CA PHE B 6 3.16 -23.26 -9.56
C PHE B 6 3.19 -21.83 -10.14
N MET B 7 3.47 -21.70 -11.44
CA MET B 7 3.53 -20.38 -12.04
C MET B 7 2.14 -19.77 -12.21
N ASP B 8 1.15 -20.62 -12.44
CA ASP B 8 -0.22 -20.11 -12.57
C ASP B 8 -0.63 -19.52 -11.22
N GLU B 9 -0.25 -20.20 -10.14
CA GLU B 9 -0.54 -19.74 -8.79
C GLU B 9 0.20 -18.42 -8.55
N PHE B 10 1.45 -18.39 -8.99
CA PHE B 10 2.29 -17.21 -8.84
C PHE B 10 1.67 -15.97 -9.48
N PHE B 11 1.23 -16.09 -10.73
CA PHE B 11 0.66 -14.94 -11.41
C PHE B 11 -0.64 -14.50 -10.75
N GLU B 12 -1.38 -15.46 -10.19
CA GLU B 12 -2.62 -15.10 -9.51
C GLU B 12 -2.24 -14.33 -8.24
N GLN B 13 -1.15 -14.72 -7.59
CA GLN B 13 -0.70 -14.03 -6.37
C GLN B 13 -0.22 -12.63 -6.73
N VAL B 14 0.42 -12.50 -7.89
CA VAL B 14 0.92 -11.20 -8.33
C VAL B 14 -0.25 -10.22 -8.54
N GLU B 15 -1.32 -10.70 -9.16
CA GLU B 15 -2.48 -9.83 -9.40
C GLU B 15 -3.19 -9.46 -8.09
N GLU B 16 -3.18 -10.39 -7.14
CA GLU B 16 -3.80 -10.12 -5.85
C GLU B 16 -3.02 -9.00 -5.17
N ILE B 17 -1.70 -9.14 -5.16
CA ILE B 17 -0.82 -8.15 -4.53
C ILE B 17 -0.96 -6.79 -5.19
N ARG B 18 -1.09 -6.80 -6.51
CA ARG B 18 -1.24 -5.56 -7.29
C ARG B 18 -2.51 -4.83 -6.85
N GLY B 19 -3.60 -5.58 -6.68
CA GLY B 19 -4.85 -4.98 -6.24
C GLY B 19 -4.74 -4.41 -4.83
N PHE B 20 -4.05 -5.13 -3.95
CA PHE B 20 -3.88 -4.66 -2.57
C PHE B 20 -3.09 -3.35 -2.57
N ILE B 21 -2.03 -3.28 -3.37
CA ILE B 21 -1.24 -2.06 -3.43
C ILE B 21 -2.07 -0.89 -3.95
N ASP B 22 -2.92 -1.13 -4.94
CA ASP B 22 -3.76 -0.06 -5.47
C ASP B 22 -4.74 0.42 -4.40
N LYS B 23 -5.23 -0.52 -3.58
CA LYS B 23 -6.17 -0.17 -2.52
C LYS B 23 -5.49 0.72 -1.50
N ILE B 24 -4.22 0.41 -1.20
CA ILE B 24 -3.47 1.22 -0.25
C ILE B 24 -3.31 2.63 -0.83
N ALA B 25 -3.01 2.70 -2.13
CA ALA B 25 -2.84 3.99 -2.80
C ALA B 25 -4.14 4.81 -2.70
N GLU B 26 -5.28 4.16 -2.89
CA GLU B 26 -6.57 4.84 -2.78
C GLU B 26 -6.74 5.35 -1.35
N ASN B 27 -6.45 4.49 -0.38
CA ASN B 27 -6.60 4.91 1.02
C ASN B 27 -5.68 6.07 1.36
N VAL B 28 -4.48 6.08 0.82
CA VAL B 28 -3.55 7.17 1.09
C VAL B 28 -4.10 8.49 0.58
N GLU B 29 -4.67 8.48 -0.62
CA GLU B 29 -5.24 9.71 -1.17
C GLU B 29 -6.45 10.13 -0.35
N GLU B 30 -7.19 9.17 0.19
CA GLU B 30 -8.34 9.50 1.01
C GLU B 30 -7.88 10.14 2.32
N VAL B 31 -6.80 9.60 2.89
CA VAL B 31 -6.24 10.13 4.15
C VAL B 31 -5.85 11.59 3.96
N LYS B 32 -5.30 11.93 2.80
CA LYS B 32 -4.92 13.32 2.53
C LYS B 32 -6.16 14.21 2.55
N ARG B 33 -7.24 13.74 1.95
CA ARG B 33 -8.48 14.53 1.92
C ARG B 33 -9.06 14.70 3.33
N LYS B 34 -8.95 13.66 4.15
CA LYS B 34 -9.45 13.72 5.51
C LYS B 34 -8.61 14.71 6.29
N HIS B 35 -7.30 14.62 6.13
CA HIS B 35 -6.39 15.53 6.83
C HIS B 35 -6.75 16.98 6.54
N SER B 36 -6.99 17.29 5.28
CA SER B 36 -7.34 18.65 4.88
C SER B 36 -8.68 19.12 5.44
N ALA B 37 -9.69 18.26 5.40
CA ALA B 37 -11.00 18.62 5.91
C ALA B 37 -10.89 18.93 7.41
N ILE B 38 -10.13 18.11 8.11
CA ILE B 38 -9.94 18.29 9.55
C ILE B 38 -9.22 19.58 9.89
N LEU B 39 -8.14 19.88 9.17
CA LEU B 39 -7.37 21.08 9.43
C LEU B 39 -8.10 22.36 9.00
N ALA B 40 -9.08 22.21 8.10
CA ALA B 40 -9.83 23.36 7.61
C ALA B 40 -11.11 23.65 8.40
N SER B 41 -11.35 22.87 9.46
CA SER B 41 -12.54 23.05 10.29
C SER B 41 -12.21 23.55 11.69
N PRO B 42 -12.89 24.61 12.14
CA PRO B 42 -12.66 25.15 13.48
C PRO B 42 -13.15 24.16 14.53
N ASN B 43 -14.03 23.27 14.10
CA ASN B 43 -14.60 22.26 14.98
C ASN B 43 -14.62 20.90 14.27
N PRO B 44 -13.45 20.26 14.16
CA PRO B 44 -13.32 18.95 13.50
C PRO B 44 -14.42 17.96 13.88
N ASP B 45 -15.08 17.43 12.86
CA ASP B 45 -16.16 16.48 13.05
C ASP B 45 -15.65 15.11 13.47
N GLU B 46 -16.30 14.51 14.46
CA GLU B 46 -15.92 13.21 14.97
C GLU B 46 -15.98 12.17 13.85
N LYS B 47 -17.06 12.22 13.07
CA LYS B 47 -17.27 11.32 11.96
C LYS B 47 -16.04 11.25 11.06
N THR B 48 -15.48 12.41 10.72
CA THR B 48 -14.31 12.48 9.86
C THR B 48 -13.07 11.89 10.52
N LYS B 49 -12.86 12.21 11.79
CA LYS B 49 -11.70 11.68 12.52
C LYS B 49 -11.83 10.16 12.59
N GLU B 50 -13.05 9.70 12.83
CA GLU B 50 -13.31 8.26 12.91
C GLU B 50 -13.04 7.60 11.54
N GLU B 51 -13.42 8.28 10.47
CA GLU B 51 -13.18 7.75 9.13
C GLU B 51 -11.66 7.66 8.89
N LEU B 52 -10.94 8.65 9.40
CA LEU B 52 -9.50 8.68 9.26
C LEU B 52 -8.87 7.51 10.01
N GLU B 53 -9.35 7.23 11.23
CA GLU B 53 -8.80 6.10 11.99
C GLU B 53 -9.00 4.80 11.23
N GLU B 54 -10.19 4.66 10.64
CA GLU B 54 -10.55 3.50 9.85
C GLU B 54 -9.62 3.33 8.64
N LEU B 55 -9.34 4.43 7.96
CA LEU B 55 -8.47 4.40 6.80
C LEU B 55 -7.06 3.97 7.19
N MET B 56 -6.55 4.54 8.27
CA MET B 56 -5.20 4.22 8.75
C MET B 56 -5.14 2.75 9.12
N SER B 57 -6.21 2.24 9.70
CA SER B 57 -6.27 0.84 10.09
C SER B 57 -6.25 -0.09 8.87
N ASP B 58 -7.01 0.26 7.84
CA ASP B 58 -7.06 -0.53 6.62
C ASP B 58 -5.70 -0.53 5.92
N ILE B 59 -5.02 0.63 5.94
CA ILE B 59 -3.71 0.71 5.32
C ILE B 59 -2.73 -0.28 6.02
N LYS B 60 -2.67 -0.21 7.34
CA LYS B 60 -1.77 -1.07 8.10
C LYS B 60 -2.06 -2.55 7.85
N LYS B 61 -3.34 -2.88 7.88
CA LYS B 61 -3.78 -4.25 7.67
C LYS B 61 -3.44 -4.76 6.27
N THR B 62 -3.69 -3.94 5.26
CA THR B 62 -3.40 -4.33 3.88
C THR B 62 -1.89 -4.34 3.61
N ALA B 63 -1.18 -3.38 4.20
CA ALA B 63 0.24 -3.30 4.02
C ALA B 63 0.85 -4.59 4.58
N ASN B 64 0.25 -5.10 5.65
CA ASN B 64 0.73 -6.34 6.24
C ASN B 64 0.52 -7.53 5.31
N LYS B 65 -0.62 -7.57 4.64
CA LYS B 65 -0.88 -8.68 3.71
C LYS B 65 0.14 -8.61 2.57
N VAL B 66 0.41 -7.39 2.08
CA VAL B 66 1.35 -7.22 0.98
C VAL B 66 2.77 -7.64 1.41
N ARG B 67 3.21 -7.11 2.54
CA ARG B 67 4.55 -7.42 3.06
C ARG B 67 4.74 -8.93 3.15
N SER B 68 3.78 -9.58 3.80
CA SER B 68 3.81 -11.03 3.99
C SER B 68 3.83 -11.84 2.68
N LYS B 69 2.97 -11.48 1.74
CA LYS B 69 2.92 -12.21 0.48
C LYS B 69 4.20 -12.03 -0.33
N LEU B 70 4.79 -10.84 -0.28
CA LEU B 70 6.03 -10.56 -0.99
C LEU B 70 7.17 -11.35 -0.33
N LYS B 71 7.12 -11.43 1.00
CA LYS B 71 8.14 -12.19 1.73
C LYS B 71 8.10 -13.65 1.29
N SER B 72 6.90 -14.19 1.19
CA SER B 72 6.72 -15.57 0.77
C SER B 72 7.31 -15.79 -0.63
N ILE B 73 7.13 -14.81 -1.52
CA ILE B 73 7.66 -14.90 -2.87
C ILE B 73 9.19 -14.86 -2.83
N GLU B 74 9.74 -13.96 -2.03
CA GLU B 74 11.19 -13.85 -1.93
C GLU B 74 11.81 -15.11 -1.33
N GLN B 75 11.10 -15.76 -0.41
CA GLN B 75 11.63 -16.98 0.21
C GLN B 75 11.69 -18.09 -0.81
N SER B 76 10.68 -18.16 -1.68
CA SER B 76 10.65 -19.20 -2.71
C SER B 76 11.79 -18.93 -3.71
N ILE B 77 12.06 -17.65 -3.96
CA ILE B 77 13.12 -17.25 -4.88
C ILE B 77 14.50 -17.57 -4.31
N GLU B 78 14.71 -17.25 -3.03
CA GLU B 78 16.00 -17.51 -2.40
C GLU B 78 16.26 -19.00 -2.25
N GLN B 79 15.19 -19.78 -2.18
CA GLN B 79 15.30 -21.22 -2.05
C GLN B 79 15.95 -21.80 -3.31
N GLU B 80 15.64 -21.22 -4.46
CA GLU B 80 16.19 -21.71 -5.71
C GLU B 80 17.63 -21.21 -5.88
N GLU B 81 17.88 -19.97 -5.50
CA GLU B 81 19.22 -19.41 -5.60
C GLU B 81 20.12 -20.12 -4.58
N GLY B 82 19.55 -20.50 -3.46
CA GLY B 82 20.32 -21.18 -2.42
C GLY B 82 21.04 -22.41 -2.94
N LEU B 83 20.63 -22.89 -4.10
CA LEU B 83 21.25 -24.06 -4.70
C LEU B 83 22.06 -23.64 -5.93
N ASN B 84 22.35 -22.35 -6.00
CA ASN B 84 23.13 -21.75 -7.08
C ASN B 84 22.62 -22.23 -8.43
N ARG B 85 21.42 -21.79 -8.79
CA ARG B 85 20.81 -22.18 -10.06
C ARG B 85 19.77 -21.16 -10.51
N SER B 86 19.52 -21.12 -11.82
CA SER B 86 18.53 -20.20 -12.37
C SER B 86 17.69 -20.86 -13.45
N SER B 87 16.66 -20.16 -13.91
CA SER B 87 15.74 -20.63 -14.94
C SER B 87 14.91 -19.45 -15.43
N ALA B 88 14.16 -19.65 -16.51
CA ALA B 88 13.31 -18.60 -17.07
C ALA B 88 12.21 -18.22 -16.08
N ASP B 89 11.67 -19.21 -15.35
CA ASP B 89 10.61 -18.94 -14.39
C ASP B 89 11.13 -18.17 -13.19
N LEU B 90 12.33 -18.51 -12.73
CA LEU B 90 12.94 -17.81 -11.59
C LEU B 90 13.10 -16.33 -11.92
N ARG B 91 13.58 -16.05 -13.12
CA ARG B 91 13.80 -14.67 -13.55
C ARG B 91 12.47 -13.92 -13.68
N ILE B 92 11.43 -14.62 -14.13
CA ILE B 92 10.11 -14.00 -14.25
C ILE B 92 9.64 -13.65 -12.85
N ARG B 93 9.90 -14.53 -11.89
CA ARG B 93 9.48 -14.28 -10.51
C ARG B 93 10.28 -13.14 -9.88
N LYS B 94 11.61 -13.16 -10.05
CA LYS B 94 12.44 -12.09 -9.51
C LYS B 94 12.02 -10.73 -10.08
N THR B 95 11.67 -10.70 -11.36
CA THR B 95 11.25 -9.44 -11.99
C THR B 95 9.94 -8.93 -11.40
N GLN B 96 8.97 -9.82 -11.23
CA GLN B 96 7.69 -9.42 -10.67
C GLN B 96 7.84 -8.97 -9.22
N HIS B 97 8.65 -9.68 -8.45
CA HIS B 97 8.86 -9.30 -7.05
C HIS B 97 9.53 -7.94 -6.97
N SER B 98 10.32 -7.62 -7.99
CA SER B 98 11.02 -6.33 -8.05
C SER B 98 10.03 -5.21 -8.34
N THR B 99 9.19 -5.42 -9.35
CA THR B 99 8.19 -4.44 -9.75
C THR B 99 7.15 -4.22 -8.65
N LEU B 100 6.74 -5.28 -7.97
CA LEU B 100 5.74 -5.15 -6.91
C LEU B 100 6.30 -4.44 -5.70
N SER B 101 7.51 -4.82 -5.29
CA SER B 101 8.16 -4.19 -4.14
C SER B 101 8.36 -2.70 -4.40
N ARG B 102 8.68 -2.35 -5.64
CA ARG B 102 8.90 -0.95 -6.00
C ARG B 102 7.59 -0.16 -5.85
N LYS B 103 6.50 -0.70 -6.37
CA LYS B 103 5.20 -0.05 -6.28
C LYS B 103 4.77 0.07 -4.83
N PHE B 104 5.04 -0.97 -4.04
CA PHE B 104 4.68 -0.98 -2.64
C PHE B 104 5.47 0.08 -1.87
N VAL B 105 6.78 0.13 -2.11
CA VAL B 105 7.63 1.11 -1.44
C VAL B 105 7.25 2.54 -1.81
N GLU B 106 6.93 2.77 -3.08
CA GLU B 106 6.55 4.10 -3.53
C GLU B 106 5.29 4.55 -2.78
N VAL B 107 4.32 3.65 -2.62
CA VAL B 107 3.08 4.02 -1.94
C VAL B 107 3.28 4.25 -0.44
N MET B 108 3.97 3.33 0.23
CA MET B 108 4.16 3.48 1.67
C MET B 108 5.02 4.70 1.98
N SER B 109 5.91 5.06 1.06
CA SER B 109 6.75 6.24 1.27
C SER B 109 5.88 7.48 1.22
N GLU B 110 4.88 7.46 0.33
CA GLU B 110 3.97 8.59 0.20
C GLU B 110 3.13 8.70 1.46
N TYR B 111 2.80 7.56 2.05
CA TYR B 111 2.01 7.53 3.27
C TYR B 111 2.83 8.17 4.39
N ASN B 112 4.07 7.73 4.58
CA ASN B 112 4.92 8.29 5.63
C ASN B 112 5.10 9.78 5.45
N ALA B 113 5.38 10.21 4.23
CA ALA B 113 5.57 11.62 3.95
C ALA B 113 4.32 12.42 4.30
N THR B 114 3.15 11.88 3.96
CA THR B 114 1.92 12.57 4.25
C THR B 114 1.63 12.62 5.76
N GLN B 115 1.97 11.55 6.47
CA GLN B 115 1.74 11.53 7.91
C GLN B 115 2.68 12.51 8.62
N SER B 116 3.91 12.67 8.10
CA SER B 116 4.86 13.60 8.69
C SER B 116 4.37 15.03 8.47
N ASP B 117 3.93 15.32 7.24
CA ASP B 117 3.42 16.63 6.91
C ASP B 117 2.25 16.96 7.82
N TYR B 118 1.35 16.00 8.00
CA TYR B 118 0.18 16.18 8.84
C TYR B 118 0.57 16.44 10.30
N ARG B 119 1.50 15.66 10.83
CA ARG B 119 1.92 15.86 12.23
C ARG B 119 2.42 17.29 12.41
N GLU B 120 3.19 17.77 11.45
CA GLU B 120 3.72 19.13 11.52
C GLU B 120 2.58 20.16 11.51
N ARG B 121 1.58 19.94 10.66
CA ARG B 121 0.45 20.86 10.59
C ARG B 121 -0.43 20.80 11.83
N CYS B 122 -0.44 19.66 12.52
CA CYS B 122 -1.27 19.53 13.72
C CYS B 122 -0.62 20.16 14.95
N LYS B 123 0.69 20.34 14.91
CA LYS B 123 1.43 20.89 16.04
C LYS B 123 0.82 22.17 16.61
N GLY B 124 0.66 22.20 17.93
CA GLY B 124 0.09 23.37 18.58
C GLY B 124 -1.40 23.55 18.40
N ARG B 125 -2.06 22.55 17.83
CA ARG B 125 -3.49 22.63 17.59
C ARG B 125 -4.23 21.40 18.15
N ILE B 126 -5.54 21.53 18.26
CA ILE B 126 -6.41 20.45 18.74
C ILE B 126 -7.27 19.94 17.59
N GLN B 127 -7.24 18.63 17.35
CA GLN B 127 -8.07 18.05 16.29
C GLN B 127 -9.26 17.36 16.92
N ARG C 3 17.87 -15.97 -31.92
CA ARG C 3 19.34 -15.89 -32.13
C ARG C 3 19.94 -14.60 -31.57
N ASP C 4 19.23 -13.50 -31.74
CA ASP C 4 19.72 -12.20 -31.25
C ASP C 4 21.13 -11.94 -31.77
N ARG C 5 21.28 -11.91 -33.10
CA ARG C 5 22.58 -11.64 -33.71
C ARG C 5 23.17 -10.38 -33.11
N PHE C 6 24.48 -10.40 -32.88
CA PHE C 6 25.16 -9.27 -32.28
C PHE C 6 24.81 -7.88 -32.84
N MET C 7 24.89 -7.72 -34.16
CA MET C 7 24.62 -6.42 -34.77
C MET C 7 23.15 -6.00 -34.76
N ASP C 8 22.22 -6.96 -34.77
CA ASP C 8 20.80 -6.56 -34.71
C ASP C 8 20.59 -5.95 -33.33
N GLU C 9 21.18 -6.60 -32.33
CA GLU C 9 21.07 -6.15 -30.94
C GLU C 9 21.76 -4.79 -30.81
N PHE C 10 22.89 -4.64 -31.48
CA PHE C 10 23.63 -3.39 -31.42
C PHE C 10 22.80 -2.22 -31.98
N PHE C 11 22.20 -2.41 -33.14
CA PHE C 11 21.40 -1.35 -33.73
C PHE C 11 20.19 -1.00 -32.87
N GLU C 12 19.62 -1.99 -32.19
CA GLU C 12 18.48 -1.73 -31.33
C GLU C 12 18.96 -0.96 -30.10
N GLN C 13 20.16 -1.28 -29.62
CA GLN C 13 20.74 -0.59 -28.47
C GLN C 13 20.97 0.89 -28.82
N VAL C 14 21.44 1.13 -30.03
CA VAL C 14 21.70 2.49 -30.52
C VAL C 14 20.42 3.29 -30.56
N GLU C 15 19.36 2.72 -31.10
CA GLU C 15 18.09 3.44 -31.16
C GLU C 15 17.52 3.71 -29.76
N GLU C 16 17.73 2.77 -28.84
CA GLU C 16 17.25 2.95 -27.49
C GLU C 16 17.99 4.13 -26.86
N ILE C 17 19.31 4.16 -27.03
CA ILE C 17 20.13 5.23 -26.45
C ILE C 17 19.72 6.58 -27.05
N ARG C 18 19.47 6.62 -28.35
CA ARG C 18 19.06 7.87 -29.01
C ARG C 18 17.74 8.36 -28.39
N GLY C 19 16.84 7.44 -28.10
CA GLY C 19 15.57 7.81 -27.48
C GLY C 19 15.78 8.38 -26.09
N PHE C 20 16.69 7.79 -25.33
CA PHE C 20 16.97 8.29 -23.98
C PHE C 20 17.57 9.68 -24.06
N ILE C 21 18.50 9.88 -24.99
CA ILE C 21 19.12 11.18 -25.16
C ILE C 21 18.04 12.22 -25.51
N ASP C 22 17.11 11.85 -26.39
CA ASP C 22 16.03 12.75 -26.79
C ASP C 22 15.12 13.08 -25.61
N LYS C 23 14.89 12.09 -24.75
CA LYS C 23 14.03 12.31 -23.59
C LYS C 23 14.72 13.30 -22.63
N ILE C 24 16.03 13.14 -22.46
CA ILE C 24 16.80 14.05 -21.61
C ILE C 24 16.62 15.46 -22.16
N ALA C 25 16.72 15.61 -23.47
CA ALA C 25 16.57 16.92 -24.11
C ALA C 25 15.20 17.55 -23.82
N GLU C 26 14.15 16.74 -23.85
CA GLU C 26 12.82 17.26 -23.56
C GLU C 26 12.76 17.70 -22.10
N ASN C 27 13.35 16.91 -21.21
CA ASN C 27 13.33 17.26 -19.79
C ASN C 27 14.07 18.58 -19.57
N VAL C 28 15.16 18.78 -20.27
CA VAL C 28 15.92 20.01 -20.14
C VAL C 28 15.05 21.21 -20.55
N GLU C 29 14.25 21.05 -21.59
CA GLU C 29 13.38 22.13 -22.03
C GLU C 29 12.27 22.38 -21.01
N GLU C 30 11.83 21.32 -20.35
CA GLU C 30 10.79 21.48 -19.34
C GLU C 30 11.42 22.19 -18.15
N VAL C 31 12.70 21.93 -17.90
CA VAL C 31 13.41 22.56 -16.80
C VAL C 31 13.51 24.06 -17.07
N LYS C 32 13.73 24.43 -18.34
CA LYS C 32 13.83 25.85 -18.69
C LYS C 32 12.50 26.55 -18.46
N ARG C 33 11.41 25.90 -18.86
CA ARG C 33 10.09 26.46 -18.69
C ARG C 33 9.73 26.58 -17.21
N LYS C 34 10.22 25.65 -16.39
CA LYS C 34 9.94 25.69 -14.95
C LYS C 34 10.73 26.84 -14.34
N HIS C 35 11.96 27.02 -14.80
CA HIS C 35 12.82 28.07 -14.31
C HIS C 35 12.20 29.44 -14.56
N SER C 36 11.78 29.67 -15.81
CA SER C 36 11.16 30.93 -16.19
C SER C 36 9.94 31.25 -15.36
N ALA C 37 9.02 30.28 -15.27
CA ALA C 37 7.80 30.46 -14.49
C ALA C 37 8.14 30.94 -13.09
N ILE C 38 9.05 30.23 -12.45
CA ILE C 38 9.48 30.57 -11.10
C ILE C 38 10.03 32.00 -11.02
N LEU C 39 10.92 32.35 -11.94
CA LEU C 39 11.53 33.67 -11.95
C LEU C 39 10.58 34.81 -12.30
N ALA C 40 9.60 34.55 -13.17
CA ALA C 40 8.66 35.57 -13.57
C ALA C 40 7.65 35.90 -12.48
N SER C 41 7.39 34.96 -11.58
CA SER C 41 6.42 35.20 -10.51
C SER C 41 7.02 35.59 -9.18
N PRO C 42 6.44 36.60 -8.52
CA PRO C 42 6.92 37.07 -7.22
C PRO C 42 6.48 36.06 -6.16
N ASN C 43 5.53 35.22 -6.54
CA ASN C 43 4.98 34.20 -5.66
C ASN C 43 5.04 32.83 -6.33
N PRO C 44 6.25 32.31 -6.55
CA PRO C 44 6.40 30.99 -7.18
C PRO C 44 5.62 29.90 -6.45
N ASP C 45 5.37 28.79 -7.12
CA ASP C 45 4.64 27.68 -6.55
C ASP C 45 5.56 26.59 -6.00
N GLU C 46 5.25 26.09 -4.81
CA GLU C 46 6.04 25.03 -4.20
C GLU C 46 6.04 23.78 -5.06
N LYS C 47 4.86 23.42 -5.57
CA LYS C 47 4.71 22.24 -6.42
C LYS C 47 5.59 22.37 -7.65
N THR C 48 5.67 23.58 -8.18
CA THR C 48 6.50 23.82 -9.36
C THR C 48 7.95 23.51 -8.99
N LYS C 49 8.32 23.85 -7.77
CA LYS C 49 9.68 23.58 -7.31
C LYS C 49 9.93 22.09 -7.13
N GLU C 50 8.96 21.37 -6.59
CA GLU C 50 9.10 19.92 -6.39
C GLU C 50 9.21 19.24 -7.76
N GLU C 51 8.46 19.77 -8.71
CA GLU C 51 8.45 19.22 -10.06
C GLU C 51 9.82 19.38 -10.69
N LEU C 52 10.46 20.50 -10.37
CA LEU C 52 11.79 20.78 -10.89
C LEU C 52 12.78 19.77 -10.34
N GLU C 53 12.63 19.44 -9.05
CA GLU C 53 13.52 18.46 -8.44
C GLU C 53 13.34 17.11 -9.10
N GLU C 54 12.09 16.75 -9.39
CA GLU C 54 11.81 15.47 -10.03
C GLU C 54 12.45 15.43 -11.42
N LEU C 55 12.34 16.53 -12.16
CA LEU C 55 12.93 16.58 -13.50
C LEU C 55 14.45 16.47 -13.44
N MET C 56 15.07 17.20 -12.53
CA MET C 56 16.52 17.18 -12.40
C MET C 56 16.94 15.75 -12.06
N SER C 57 16.12 15.09 -11.26
CA SER C 57 16.37 13.71 -10.86
C SER C 57 16.28 12.79 -12.08
N ASP C 58 15.21 12.93 -12.85
CA ASP C 58 15.03 12.11 -14.04
C ASP C 58 16.17 12.29 -15.03
N ILE C 59 16.70 13.50 -15.13
CA ILE C 59 17.79 13.80 -16.04
C ILE C 59 19.04 13.09 -15.57
N LYS C 60 19.37 13.20 -14.29
CA LYS C 60 20.57 12.53 -13.77
C LYS C 60 20.52 11.02 -13.93
N LYS C 61 19.36 10.43 -13.66
CA LYS C 61 19.19 8.99 -13.76
C LYS C 61 19.31 8.49 -15.20
N THR C 62 18.59 9.13 -16.12
CA THR C 62 18.63 8.72 -17.52
C THR C 62 20.03 8.94 -18.09
N ALA C 63 20.67 10.03 -17.70
CA ALA C 63 22.01 10.29 -18.17
C ALA C 63 22.94 9.15 -17.75
N ASN C 64 22.80 8.69 -16.51
CA ASN C 64 23.65 7.61 -16.03
C ASN C 64 23.41 6.38 -16.90
N LYS C 65 22.16 6.16 -17.29
CA LYS C 65 21.79 5.03 -18.14
C LYS C 65 22.58 5.10 -19.45
N VAL C 66 22.53 6.26 -20.09
CA VAL C 66 23.22 6.50 -21.36
C VAL C 66 24.72 6.34 -21.19
N ARG C 67 25.26 7.04 -20.20
CA ARG C 67 26.68 7.00 -19.92
C ARG C 67 27.12 5.54 -19.75
N SER C 68 26.31 4.77 -19.02
CA SER C 68 26.60 3.38 -18.75
C SER C 68 26.61 2.53 -20.02
N LYS C 69 25.53 2.61 -20.78
CA LYS C 69 25.41 1.85 -22.02
C LYS C 69 26.52 2.20 -23.01
N LEU C 70 26.86 3.49 -23.10
CA LEU C 70 27.92 3.91 -23.99
C LEU C 70 29.26 3.32 -23.56
N LYS C 71 29.59 3.43 -22.28
CA LYS C 71 30.88 2.89 -21.82
C LYS C 71 30.91 1.38 -22.08
N SER C 72 29.76 0.74 -21.92
CA SER C 72 29.64 -0.69 -22.18
C SER C 72 29.98 -0.98 -23.65
N ILE C 73 29.43 -0.18 -24.54
CA ILE C 73 29.66 -0.33 -25.98
C ILE C 73 31.13 -0.07 -26.30
N GLU C 74 31.71 0.94 -25.65
CA GLU C 74 33.10 1.30 -25.90
C GLU C 74 34.05 0.17 -25.47
N GLN C 75 33.71 -0.50 -24.38
CA GLN C 75 34.54 -1.59 -23.87
C GLN C 75 34.49 -2.79 -24.81
N SER C 76 33.31 -3.08 -25.33
CA SER C 76 33.15 -4.20 -26.25
C SER C 76 33.99 -3.94 -27.50
N ILE C 77 34.11 -2.67 -27.88
CA ILE C 77 34.90 -2.27 -29.03
C ILE C 77 36.40 -2.41 -28.76
N GLU C 78 36.85 -1.79 -27.67
CA GLU C 78 38.27 -1.81 -27.29
C GLU C 78 38.80 -3.23 -27.07
N GLN C 79 37.90 -4.17 -26.90
CA GLN C 79 38.28 -5.56 -26.68
C GLN C 79 38.28 -6.36 -27.97
N GLU C 80 37.33 -6.04 -28.86
CA GLU C 80 37.24 -6.73 -30.14
C GLU C 80 38.48 -6.32 -30.90
N GLU C 81 39.10 -5.24 -30.45
CA GLU C 81 40.33 -4.74 -31.02
C GLU C 81 41.47 -5.49 -30.34
N GLY C 82 41.14 -6.14 -29.22
CA GLY C 82 42.12 -6.91 -28.48
C GLY C 82 42.59 -8.06 -29.34
N LEU C 83 41.76 -8.43 -30.30
CA LEU C 83 42.08 -9.50 -31.24
C LEU C 83 42.79 -8.85 -32.43
N ASN C 84 42.97 -7.54 -32.32
CA ASN C 84 43.63 -6.72 -33.34
C ASN C 84 43.21 -7.13 -34.75
N ARG C 85 41.92 -7.03 -35.03
CA ARG C 85 41.38 -7.38 -36.33
C ARG C 85 40.24 -6.43 -36.68
N SER C 86 40.54 -5.34 -37.37
CA SER C 86 39.50 -4.40 -37.75
C SER C 86 38.50 -5.10 -38.67
N SER C 87 37.31 -4.54 -38.78
CA SER C 87 36.27 -5.12 -39.62
C SER C 87 35.22 -4.05 -39.85
N ALA C 88 34.38 -4.28 -40.85
CA ALA C 88 33.33 -3.33 -41.15
C ALA C 88 32.41 -3.15 -39.93
N ASP C 89 32.04 -4.24 -39.28
CA ASP C 89 31.15 -4.13 -38.12
C ASP C 89 31.78 -3.36 -36.97
N LEU C 90 33.07 -3.57 -36.74
CA LEU C 90 33.75 -2.83 -35.67
C LEU C 90 33.73 -1.34 -35.98
N ARG C 91 34.00 -0.96 -37.22
CA ARG C 91 34.01 0.46 -37.57
C ARG C 91 32.61 1.03 -37.51
N ILE C 92 31.61 0.19 -37.81
CA ILE C 92 30.22 0.64 -37.74
C ILE C 92 29.89 0.94 -36.28
N ARG C 93 30.33 0.07 -35.37
CA ARG C 93 30.07 0.29 -33.96
C ARG C 93 30.79 1.56 -33.47
N LYS C 94 32.03 1.75 -33.91
CA LYS C 94 32.80 2.94 -33.49
C LYS C 94 32.14 4.24 -33.93
N THR C 95 31.64 4.27 -35.16
CA THR C 95 30.99 5.48 -35.66
C THR C 95 29.72 5.79 -34.86
N GLN C 96 28.95 4.76 -34.54
CA GLN C 96 27.73 5.01 -33.76
C GLN C 96 28.08 5.46 -32.35
N HIS C 97 29.13 4.89 -31.77
CA HIS C 97 29.49 5.29 -30.42
C HIS C 97 29.91 6.76 -30.36
N SER C 98 30.64 7.22 -31.37
CA SER C 98 31.08 8.60 -31.38
C SER C 98 29.93 9.57 -31.68
N THR C 99 28.99 9.15 -32.53
CA THR C 99 27.86 9.98 -32.88
C THR C 99 26.93 10.14 -31.68
N LEU C 100 26.64 9.04 -31.00
CA LEU C 100 25.76 9.11 -29.83
C LEU C 100 26.44 9.91 -28.73
N SER C 101 27.74 9.72 -28.58
CA SER C 101 28.49 10.45 -27.55
C SER C 101 28.42 11.95 -27.83
N ARG C 102 28.57 12.32 -29.09
CA ARG C 102 28.52 13.72 -29.49
C ARG C 102 27.15 14.32 -29.11
N LYS C 103 26.10 13.57 -29.41
CA LYS C 103 24.74 14.01 -29.12
C LYS C 103 24.49 14.09 -27.60
N PHE C 104 25.06 13.15 -26.86
CA PHE C 104 24.89 13.09 -25.41
C PHE C 104 25.62 14.27 -24.75
N VAL C 105 26.85 14.51 -25.18
CA VAL C 105 27.64 15.60 -24.64
C VAL C 105 26.95 16.94 -24.90
N GLU C 106 26.40 17.07 -26.10
CA GLU C 106 25.71 18.28 -26.50
C GLU C 106 24.52 18.56 -25.57
N VAL C 107 23.70 17.55 -25.32
CA VAL C 107 22.53 17.73 -24.46
C VAL C 107 22.88 18.03 -22.99
N MET C 108 23.88 17.35 -22.46
CA MET C 108 24.27 17.59 -21.06
C MET C 108 24.98 18.94 -20.89
N SER C 109 25.65 19.40 -21.94
CA SER C 109 26.35 20.68 -21.88
C SER C 109 25.30 21.78 -21.81
N GLU C 110 24.24 21.63 -22.58
CA GLU C 110 23.14 22.58 -22.60
C GLU C 110 22.47 22.60 -21.22
N TYR C 111 22.31 21.43 -20.63
CA TYR C 111 21.70 21.33 -19.31
C TYR C 111 22.57 21.99 -18.23
N ASN C 112 23.88 21.74 -18.27
CA ASN C 112 24.76 22.34 -17.29
C ASN C 112 24.79 23.85 -17.44
N ALA C 113 24.75 24.33 -18.68
CA ALA C 113 24.76 25.77 -18.93
C ALA C 113 23.49 26.45 -18.40
N THR C 114 22.33 25.82 -18.64
CA THR C 114 21.08 26.40 -18.17
C THR C 114 21.00 26.35 -16.65
N GLN C 115 21.61 25.34 -16.03
CA GLN C 115 21.59 25.26 -14.57
C GLN C 115 22.46 26.36 -13.96
N SER C 116 23.64 26.61 -14.52
CA SER C 116 24.50 27.65 -13.98
C SER C 116 23.86 29.01 -14.21
N ASP C 117 23.19 29.17 -15.34
CA ASP C 117 22.51 30.42 -15.68
C ASP C 117 21.39 30.70 -14.66
N TYR C 118 20.68 29.64 -14.28
CA TYR C 118 19.58 29.76 -13.32
C TYR C 118 20.13 30.13 -11.94
N ARG C 119 21.15 29.40 -11.49
CA ARG C 119 21.75 29.68 -10.20
C ARG C 119 22.17 31.14 -10.09
N GLU C 120 22.65 31.72 -11.19
CA GLU C 120 23.06 33.12 -11.19
C GLU C 120 21.85 34.03 -11.01
N ARG C 121 20.79 33.77 -11.77
CA ARG C 121 19.58 34.58 -11.66
C ARG C 121 18.89 34.39 -10.30
N CYS C 122 19.12 33.25 -9.68
CA CYS C 122 18.53 32.97 -8.37
C CYS C 122 19.41 33.57 -7.27
N LYS C 123 20.71 33.61 -7.49
CA LYS C 123 21.60 34.21 -6.52
C LYS C 123 21.34 35.69 -6.72
N GLY C 124 20.88 36.02 -7.93
CA GLY C 124 20.56 37.38 -8.27
C GLY C 124 19.54 37.90 -7.27
N ARG C 125 18.88 39.00 -7.58
CA ARG C 125 17.92 39.55 -6.65
C ARG C 125 16.47 39.31 -7.04
N ILE C 126 16.22 38.34 -7.91
CA ILE C 126 14.85 38.05 -8.33
C ILE C 126 14.56 36.56 -8.52
#